data_1KHY
#
_entry.id   1KHY
#
_cell.length_a   50.213
_cell.length_b   52.600
_cell.length_c   56.841
_cell.angle_alpha   90.45
_cell.angle_beta   111.73
_cell.angle_gamma   107.05
#
_symmetry.space_group_name_H-M   'P 1'
#
loop_
_entity.id
_entity.type
_entity.pdbx_description
1 polymer 'CLPB PROTEIN'
2 water water
#
_entity_poly.entity_id   1
_entity_poly.type   'polypeptide(L)'
_entity_poly.pdbx_seq_one_letter_code
;(MSE)RLDRLTNKFQLALADAQSLALGHDNQFIEPLHL(MSE)SALLNQEGGSVSPLLTSAGINAGQLRTDINQALNRLP
QVEGTGGDVQPSQDLVRVLNLCDKLAQKRGDNFISSELFVLAALESRGTLADILKAAGATTANITQAIEQ(MSE)RGGES
;
_entity_poly.pdbx_strand_id   A,B,C,D
#
# COMPACT_ATOMS: atom_id res chain seq x y z
N ASP A 4 -7.40 23.36 -6.25
CA ASP A 4 -6.89 24.28 -5.20
C ASP A 4 -5.46 23.92 -4.83
N ARG A 5 -5.20 23.98 -3.52
CA ARG A 5 -3.90 23.67 -2.96
C ARG A 5 -3.96 22.21 -2.52
N LEU A 6 -5.07 21.55 -2.84
CA LEU A 6 -5.26 20.14 -2.48
C LEU A 6 -4.52 19.25 -3.47
N THR A 7 -3.97 18.14 -2.98
CA THR A 7 -3.29 17.21 -3.86
C THR A 7 -4.35 16.60 -4.76
N ASN A 8 -3.91 15.97 -5.85
CA ASN A 8 -4.87 15.35 -6.75
C ASN A 8 -5.63 14.21 -6.06
N LYS A 9 -4.92 13.43 -5.26
CA LYS A 9 -5.54 12.32 -4.53
C LYS A 9 -6.63 12.83 -3.59
N PHE A 10 -6.34 13.94 -2.91
CA PHE A 10 -7.30 14.53 -1.98
C PHE A 10 -8.52 15.02 -2.75
N GLN A 11 -8.29 15.65 -3.91
CA GLN A 11 -9.39 16.14 -4.71
C GLN A 11 -10.27 14.99 -5.19
N LEU A 12 -9.63 13.90 -5.62
CA LEU A 12 -10.37 12.72 -6.07
C LEU A 12 -11.20 12.09 -4.95
N ALA A 13 -10.65 12.11 -3.74
CA ALA A 13 -11.37 11.55 -2.60
C ALA A 13 -12.60 12.41 -2.29
N LEU A 14 -12.45 13.73 -2.46
CA LEU A 14 -13.55 14.65 -2.24
C LEU A 14 -14.68 14.34 -3.22
N ALA A 15 -14.32 14.10 -4.48
CA ALA A 15 -15.32 13.77 -5.49
C ALA A 15 -16.02 12.48 -5.08
N ASP A 16 -15.26 11.51 -4.59
CA ASP A 16 -15.85 10.24 -4.14
C ASP A 16 -16.74 10.46 -2.92
N ALA A 17 -16.36 11.38 -2.05
CA ALA A 17 -17.16 11.69 -0.86
C ALA A 17 -18.53 12.20 -1.30
N GLN A 18 -18.54 13.02 -2.35
CA GLN A 18 -19.79 13.55 -2.88
C GLN A 18 -20.66 12.41 -3.40
N SER A 19 -20.05 11.45 -4.10
CA SER A 19 -20.77 10.30 -4.63
C SER A 19 -21.32 9.46 -3.50
N LEU A 20 -20.54 9.32 -2.42
CA LEU A 20 -21.00 8.54 -1.28
C LEU A 20 -22.22 9.21 -0.67
N ALA A 21 -22.15 10.53 -0.47
CA ALA A 21 -23.29 11.23 0.12
C ALA A 21 -24.54 11.02 -0.75
N LEU A 22 -24.38 11.15 -2.05
CA LEU A 22 -25.49 10.97 -2.99
C LEU A 22 -26.04 9.55 -2.89
N GLY A 23 -25.13 8.57 -2.97
CA GLY A 23 -25.54 7.18 -2.91
C GLY A 23 -26.23 6.79 -1.62
N HIS A 24 -25.96 7.52 -0.54
CA HIS A 24 -26.57 7.22 0.74
C HIS A 24 -27.77 8.12 1.05
N ASP A 25 -28.15 8.94 0.07
CA ASP A 25 -29.28 9.85 0.19
C ASP A 25 -29.09 10.92 1.27
N ASN A 26 -27.85 11.36 1.48
CA ASN A 26 -27.59 12.40 2.47
C ASN A 26 -27.58 13.74 1.75
N GLN A 27 -28.12 14.76 2.41
CA GLN A 27 -28.21 16.09 1.83
C GLN A 27 -26.88 16.84 1.82
N PHE A 28 -26.05 16.57 2.81
CA PHE A 28 -24.75 17.22 2.93
C PHE A 28 -23.57 16.26 2.95
N ILE A 29 -22.46 16.69 2.37
CA ILE A 29 -21.24 15.89 2.39
C ILE A 29 -20.66 16.27 3.75
N GLU A 30 -20.44 15.30 4.61
CA GLU A 30 -19.89 15.55 5.94
C GLU A 30 -18.48 15.03 6.05
N PRO A 31 -17.74 15.47 7.08
CA PRO A 31 -16.37 14.98 7.23
C PRO A 31 -16.39 13.45 7.20
N LEU A 32 -17.45 12.85 7.71
CA LEU A 32 -17.57 11.38 7.72
C LEU A 32 -17.49 10.79 6.30
N HIS A 33 -18.15 11.44 5.36
CA HIS A 33 -18.13 10.96 3.96
C HIS A 33 -16.71 11.00 3.40
N LEU A 34 -16.00 12.09 3.66
CA LEU A 34 -14.63 12.21 3.17
C LEU A 34 -13.70 11.19 3.82
N SER A 36 -14.55 8.25 4.95
CA SER A 36 -14.88 6.96 4.34
C SER A 36 -14.20 6.85 2.98
N ALA A 37 -14.32 7.88 2.16
CA ALA A 37 -13.71 7.89 0.83
C ALA A 37 -12.20 7.67 0.96
N LEU A 38 -11.56 8.42 1.86
CA LEU A 38 -10.12 8.30 2.07
C LEU A 38 -9.72 6.92 2.54
N LEU A 39 -10.54 6.31 3.39
CA LEU A 39 -10.25 4.97 3.88
C LEU A 39 -10.37 3.95 2.76
N ASN A 40 -11.26 4.21 1.80
CA ASN A 40 -11.48 3.30 0.68
C ASN A 40 -10.63 3.61 -0.55
N GLN A 41 -9.74 4.59 -0.44
CA GLN A 41 -8.91 4.97 -1.58
C GLN A 41 -7.68 4.08 -1.76
N GLU A 42 -7.72 3.24 -2.79
CA GLU A 42 -6.62 2.35 -3.10
C GLU A 42 -5.39 3.22 -3.33
N GLY A 43 -4.29 2.87 -2.68
CA GLY A 43 -3.06 3.65 -2.82
C GLY A 43 -3.14 4.95 -2.05
N GLY A 44 -4.22 5.13 -1.30
CA GLY A 44 -4.38 6.35 -0.52
C GLY A 44 -3.43 6.38 0.66
N SER A 45 -3.19 7.58 1.19
CA SER A 45 -2.29 7.77 2.32
C SER A 45 -2.94 7.56 3.69
N VAL A 46 -4.25 7.80 3.78
CA VAL A 46 -4.93 7.68 5.06
C VAL A 46 -4.86 6.32 5.76
N SER A 47 -5.17 5.24 5.05
CA SER A 47 -5.13 3.91 5.68
C SER A 47 -3.76 3.58 6.25
N PRO A 48 -2.70 3.69 5.42
CA PRO A 48 -1.38 3.38 5.98
C PRO A 48 -0.98 4.33 7.11
N LEU A 49 -1.42 5.59 7.02
CA LEU A 49 -1.10 6.56 8.08
C LEU A 49 -1.67 6.06 9.41
N LEU A 50 -2.93 5.63 9.38
CA LEU A 50 -3.59 5.12 10.58
C LEU A 50 -2.90 3.88 11.12
N THR A 51 -2.61 2.94 10.24
CA THR A 51 -1.94 1.70 10.64
C THR A 51 -0.61 2.06 11.30
N SER A 52 0.09 3.05 10.74
CA SER A 52 1.37 3.48 11.29
C SER A 52 1.20 4.15 12.65
N ALA A 53 0.06 4.80 12.84
CA ALA A 53 -0.22 5.49 14.10
C ALA A 53 -0.74 4.50 15.14
N GLY A 54 -0.91 3.24 14.72
CA GLY A 54 -1.40 2.21 15.62
C GLY A 54 -2.91 2.16 15.74
N ILE A 55 -3.60 2.65 14.72
CA ILE A 55 -5.06 2.67 14.70
C ILE A 55 -5.58 1.67 13.67
N ASN A 56 -6.57 0.87 14.07
CA ASN A 56 -7.13 -0.14 13.17
C ASN A 56 -8.02 0.48 12.10
N ALA A 57 -7.46 0.63 10.90
CA ALA A 57 -8.20 1.22 9.78
C ALA A 57 -9.43 0.42 9.40
N GLY A 58 -9.35 -0.90 9.54
CA GLY A 58 -10.48 -1.74 9.21
C GLY A 58 -11.70 -1.44 10.06
N GLN A 59 -11.51 -1.43 11.38
CA GLN A 59 -12.60 -1.16 12.30
C GLN A 59 -13.07 0.29 12.20
N LEU A 60 -12.17 1.16 11.75
CA LEU A 60 -12.52 2.56 11.62
C LEU A 60 -13.58 2.74 10.53
N ARG A 61 -13.39 2.10 9.38
CA ARG A 61 -14.36 2.24 8.31
C ARG A 61 -15.73 1.67 8.71
N THR A 62 -15.73 0.70 9.61
CA THR A 62 -16.96 0.10 10.09
C THR A 62 -17.71 1.12 10.97
N ASP A 63 -16.98 1.75 11.89
CA ASP A 63 -17.59 2.74 12.77
C ASP A 63 -18.02 3.97 11.98
N ILE A 64 -17.25 4.33 10.96
CA ILE A 64 -17.60 5.47 10.13
C ILE A 64 -18.85 5.13 9.31
N ASN A 65 -18.93 3.90 8.82
CA ASN A 65 -20.11 3.51 8.07
C ASN A 65 -21.35 3.50 8.97
N GLN A 66 -21.16 3.11 10.23
CA GLN A 66 -22.25 3.09 11.19
C GLN A 66 -22.75 4.52 11.41
N ALA A 67 -21.81 5.46 11.52
CA ALA A 67 -22.17 6.86 11.73
C ALA A 67 -22.88 7.42 10.48
N LEU A 68 -22.41 7.03 9.30
CA LEU A 68 -23.02 7.50 8.06
C LEU A 68 -24.46 6.99 8.00
N ASN A 69 -24.66 5.77 8.46
CA ASN A 69 -25.98 5.15 8.49
C ASN A 69 -26.96 5.86 9.42
N ARG A 70 -26.43 6.70 10.32
CA ARG A 70 -27.27 7.43 11.27
C ARG A 70 -27.66 8.82 10.79
N LEU A 71 -27.01 9.29 9.74
CA LEU A 71 -27.30 10.63 9.21
C LEU A 71 -28.69 10.73 8.59
N PRO A 72 -29.28 11.94 8.63
CA PRO A 72 -30.60 12.15 8.05
C PRO A 72 -30.53 11.89 6.54
N GLN A 73 -31.62 11.41 5.96
CA GLN A 73 -31.65 11.16 4.53
C GLN A 73 -32.75 11.98 3.87
N VAL A 74 -32.57 12.26 2.58
CA VAL A 74 -33.52 13.02 1.80
C VAL A 74 -33.81 12.30 0.49
N GLN A 82 -22.72 20.31 -2.33
CA GLN A 82 -23.54 20.05 -1.15
C GLN A 82 -22.67 19.85 0.07
N PRO A 83 -21.44 20.41 0.10
CA PRO A 83 -20.61 20.22 1.28
C PRO A 83 -21.23 20.90 2.50
N SER A 84 -21.21 20.23 3.64
CA SER A 84 -21.76 20.80 4.86
C SER A 84 -20.78 21.85 5.33
N GLN A 85 -21.22 22.72 6.22
CA GLN A 85 -20.34 23.74 6.76
C GLN A 85 -19.29 23.03 7.61
N ASP A 86 -19.66 21.88 8.19
CA ASP A 86 -18.73 21.09 8.99
C ASP A 86 -17.51 20.79 8.13
N LEU A 87 -17.77 20.29 6.93
CA LEU A 87 -16.71 19.93 5.99
C LEU A 87 -15.88 21.14 5.57
N VAL A 88 -16.56 22.25 5.27
CA VAL A 88 -15.84 23.46 4.88
C VAL A 88 -14.91 23.88 6.01
N ARG A 89 -15.42 23.79 7.24
CA ARG A 89 -14.63 24.13 8.42
C ARG A 89 -13.38 23.25 8.55
N VAL A 90 -13.55 21.94 8.49
CA VAL A 90 -12.41 21.03 8.61
C VAL A 90 -11.41 21.26 7.49
N LEU A 91 -11.90 21.49 6.28
CA LEU A 91 -11.02 21.73 5.14
C LEU A 91 -10.24 23.02 5.33
N ASN A 92 -10.86 23.99 6.01
CA ASN A 92 -10.17 25.25 6.26
C ASN A 92 -9.01 24.98 7.23
N LEU A 93 -9.23 24.09 8.19
CA LEU A 93 -8.17 23.77 9.15
C LEU A 93 -7.07 22.98 8.45
N CYS A 94 -7.44 22.16 7.48
CA CYS A 94 -6.44 21.39 6.74
C CYS A 94 -5.48 22.40 6.10
N ASP A 95 -6.06 23.44 5.52
CA ASP A 95 -5.28 24.50 4.88
C ASP A 95 -4.31 25.13 5.88
N LYS A 96 -4.82 25.52 7.05
CA LYS A 96 -3.99 26.14 8.07
C LYS A 96 -2.89 25.20 8.56
N LEU A 97 -3.22 23.93 8.71
CA LEU A 97 -2.25 22.93 9.15
C LEU A 97 -1.14 22.74 8.11
N ALA A 98 -1.52 22.74 6.84
CA ALA A 98 -0.54 22.58 5.77
C ALA A 98 0.40 23.79 5.83
N GLN A 99 -0.17 24.97 6.06
CA GLN A 99 0.64 26.19 6.15
C GLN A 99 1.61 26.11 7.33
N LYS A 100 1.12 25.68 8.48
CA LYS A 100 1.97 25.58 9.67
C LYS A 100 3.11 24.57 9.49
N ARG A 101 2.81 23.44 8.85
CA ARG A 101 3.83 22.41 8.65
C ARG A 101 4.76 22.77 7.50
N GLY A 102 4.39 23.78 6.73
CA GLY A 102 5.21 24.18 5.61
C GLY A 102 5.06 23.27 4.40
N ASP A 103 3.87 22.70 4.22
CA ASP A 103 3.64 21.82 3.06
C ASP A 103 3.23 22.65 1.86
N ASN A 104 3.68 22.26 0.67
CA ASN A 104 3.33 22.98 -0.55
C ASN A 104 1.85 22.79 -0.88
N PHE A 105 1.36 21.57 -0.67
CA PHE A 105 -0.03 21.25 -0.93
C PHE A 105 -0.67 20.59 0.28
N ILE A 106 -2.00 20.56 0.26
CA ILE A 106 -2.78 19.97 1.34
C ILE A 106 -3.02 18.50 1.01
N SER A 107 -2.42 17.61 1.78
CA SER A 107 -2.57 16.18 1.55
C SER A 107 -3.63 15.53 2.44
N SER A 108 -3.99 14.30 2.05
CA SER A 108 -4.99 13.51 2.76
C SER A 108 -4.70 13.28 4.24
N GLU A 109 -3.43 13.08 4.57
CA GLU A 109 -3.03 12.84 5.96
C GLU A 109 -3.42 13.98 6.88
N LEU A 110 -3.37 15.21 6.38
CA LEU A 110 -3.72 16.37 7.19
C LEU A 110 -5.19 16.32 7.60
N PHE A 111 -6.03 15.77 6.74
CA PHE A 111 -7.45 15.68 7.06
C PHE A 111 -7.67 14.91 8.36
N VAL A 112 -6.91 13.84 8.57
CA VAL A 112 -7.06 13.04 9.79
C VAL A 112 -6.78 13.94 10.99
N LEU A 113 -5.69 14.69 10.94
CA LEU A 113 -5.33 15.57 12.04
C LEU A 113 -6.38 16.67 12.26
N ALA A 114 -6.79 17.33 11.18
CA ALA A 114 -7.77 18.40 11.29
C ALA A 114 -9.12 17.90 11.82
N ALA A 115 -9.54 16.72 11.36
CA ALA A 115 -10.81 16.15 11.79
C ALA A 115 -10.76 15.85 13.29
N LEU A 116 -9.61 15.36 13.74
CA LEU A 116 -9.44 15.02 15.15
C LEU A 116 -9.61 16.27 16.03
N GLU A 117 -9.24 17.43 15.50
CA GLU A 117 -9.33 18.68 16.24
C GLU A 117 -10.56 19.51 15.92
N SER A 118 -11.52 18.96 15.19
CA SER A 118 -12.72 19.73 14.84
C SER A 118 -14.03 19.32 15.53
N ARG A 119 -13.93 18.55 16.61
CA ARG A 119 -15.14 18.12 17.33
C ARG A 119 -16.13 17.42 16.40
N GLY A 120 -17.29 17.07 16.94
CA GLY A 120 -18.28 16.40 16.13
C GLY A 120 -18.09 14.90 16.14
N THR A 121 -18.94 14.21 15.40
CA THR A 121 -18.92 12.77 15.31
C THR A 121 -17.60 12.13 14.88
N LEU A 122 -17.02 12.63 13.79
CA LEU A 122 -15.78 12.04 13.31
C LEU A 122 -14.66 12.16 14.34
N ALA A 123 -14.55 13.31 14.98
CA ALA A 123 -13.53 13.50 16.01
C ALA A 123 -13.74 12.50 17.14
N ASP A 124 -15.00 12.28 17.53
CA ASP A 124 -15.30 11.34 18.60
C ASP A 124 -14.88 9.93 18.22
N ILE A 125 -15.21 9.52 17.00
CA ILE A 125 -14.85 8.20 16.51
C ILE A 125 -13.32 8.04 16.50
N LEU A 126 -12.62 9.05 15.97
CA LEU A 126 -11.16 8.97 15.92
C LEU A 126 -10.54 8.86 17.31
N LYS A 127 -11.05 9.65 18.26
CA LYS A 127 -10.54 9.62 19.62
C LYS A 127 -10.76 8.24 20.22
N ALA A 128 -11.97 7.71 20.07
CA ALA A 128 -12.30 6.39 20.59
C ALA A 128 -11.41 5.33 19.96
N ALA A 129 -11.07 5.53 18.69
CA ALA A 129 -10.22 4.58 17.96
C ALA A 129 -8.76 4.65 18.39
N GLY A 130 -8.41 5.65 19.21
CA GLY A 130 -7.04 5.77 19.68
C GLY A 130 -6.21 6.89 19.08
N ALA A 131 -6.81 7.65 18.17
CA ALA A 131 -6.09 8.76 17.54
C ALA A 131 -5.91 9.94 18.49
N THR A 132 -4.74 10.54 18.43
CA THR A 132 -4.41 11.71 19.24
C THR A 132 -3.60 12.64 18.38
N THR A 133 -3.60 13.93 18.73
CA THR A 133 -2.82 14.90 17.99
C THR A 133 -1.40 14.39 17.89
N ALA A 134 -0.94 13.76 18.97
CA ALA A 134 0.42 13.22 19.05
C ALA A 134 0.73 12.06 18.11
N ASN A 135 -0.04 10.98 18.16
CA ASN A 135 0.30 9.87 17.27
C ASN A 135 -0.02 10.12 15.79
N ILE A 136 -0.95 11.02 15.51
CA ILE A 136 -1.27 11.33 14.12
C ILE A 136 -0.20 12.27 13.56
N THR A 137 0.22 13.24 14.36
CA THR A 137 1.24 14.17 13.91
C THR A 137 2.54 13.42 13.66
N GLN A 138 2.82 12.44 14.50
CA GLN A 138 4.03 11.62 14.36
C GLN A 138 3.97 10.81 13.07
N ALA A 139 2.81 10.21 12.82
CA ALA A 139 2.63 9.41 11.62
C ALA A 139 2.79 10.31 10.38
N ILE A 140 2.24 11.52 10.47
CA ILE A 140 2.33 12.47 9.35
C ILE A 140 3.79 12.82 9.05
N GLU A 141 4.54 13.18 10.08
CA GLU A 141 5.95 13.54 9.92
C GLU A 141 6.73 12.35 9.39
N GLN A 142 6.36 11.15 9.84
CA GLN A 142 7.04 9.93 9.40
C GLN A 142 6.66 9.63 7.96
N LEU B 3 14.33 -3.65 11.58
CA LEU B 3 15.43 -2.68 11.30
C LEU B 3 16.71 -3.40 10.91
N ASP B 4 17.56 -2.67 10.19
CA ASP B 4 18.85 -3.18 9.72
C ASP B 4 19.81 -3.35 10.88
N ARG B 5 19.38 -2.99 12.07
CA ARG B 5 20.22 -3.11 13.26
C ARG B 5 20.36 -4.56 13.70
N LEU B 6 19.38 -5.37 13.36
CA LEU B 6 19.36 -6.79 13.76
C LEU B 6 20.16 -7.69 12.82
N THR B 7 20.67 -8.79 13.36
CA THR B 7 21.40 -9.74 12.53
C THR B 7 20.34 -10.37 11.61
N ASN B 8 20.78 -11.00 10.52
CA ASN B 8 19.85 -11.66 9.62
C ASN B 8 19.04 -12.73 10.35
N LYS B 9 19.71 -13.53 11.18
CA LYS B 9 19.02 -14.56 11.93
C LYS B 9 17.92 -13.97 12.80
N PHE B 10 18.21 -12.84 13.45
CA PHE B 10 17.23 -12.19 14.31
C PHE B 10 16.05 -11.70 13.49
N GLN B 11 16.34 -11.11 12.33
CA GLN B 11 15.29 -10.61 11.46
C GLN B 11 14.44 -11.78 10.98
N LEU B 12 15.09 -12.91 10.66
CA LEU B 12 14.36 -14.08 10.20
C LEU B 12 13.39 -14.60 11.27
N ALA B 13 13.81 -14.57 12.53
CA ALA B 13 12.93 -15.02 13.62
C ALA B 13 11.77 -14.02 13.81
N LEU B 14 12.04 -12.74 13.58
CA LEU B 14 11.02 -11.72 13.72
C LEU B 14 9.95 -11.92 12.64
N ALA B 15 10.39 -12.29 11.44
CA ALA B 15 9.46 -12.54 10.35
C ALA B 15 8.64 -13.77 10.71
N ASP B 16 9.30 -14.75 11.33
CA ASP B 16 8.59 -15.96 11.74
C ASP B 16 7.61 -15.62 12.87
N ALA B 17 8.02 -14.74 13.78
CA ALA B 17 7.16 -14.32 14.89
C ALA B 17 5.86 -13.71 14.34
N GLN B 18 5.98 -12.95 13.26
CA GLN B 18 4.80 -12.34 12.64
C GLN B 18 3.86 -13.43 12.11
N SER B 19 4.44 -14.46 11.50
CA SER B 19 3.67 -15.57 10.96
C SER B 19 2.97 -16.34 12.07
N LEU B 20 3.64 -16.46 13.22
CA LEU B 20 3.03 -17.16 14.34
C LEU B 20 1.83 -16.36 14.84
N ALA B 21 2.00 -15.06 14.93
CA ALA B 21 0.94 -14.18 15.39
C ALA B 21 -0.24 -14.27 14.44
N LEU B 22 0.05 -14.18 13.14
CA LEU B 22 -0.99 -14.26 12.13
C LEU B 22 -1.69 -15.61 12.22
N GLY B 23 -0.92 -16.68 12.31
CA GLY B 23 -1.46 -18.02 12.39
C GLY B 23 -2.33 -18.28 13.60
N HIS B 24 -2.14 -17.48 14.65
CA HIS B 24 -2.92 -17.62 15.89
C HIS B 24 -4.02 -16.58 15.93
N ASP B 25 -4.12 -15.76 14.89
CA ASP B 25 -5.12 -14.70 14.83
C ASP B 25 -4.94 -13.73 15.99
N ASN B 26 -3.70 -13.44 16.33
CA ASN B 26 -3.40 -12.51 17.42
C ASN B 26 -3.27 -11.10 16.85
N GLN B 27 -3.64 -10.12 17.65
CA GLN B 27 -3.61 -8.73 17.21
C GLN B 27 -2.21 -8.13 17.07
N PHE B 28 -1.30 -8.53 17.94
CA PHE B 28 0.06 -8.02 17.91
C PHE B 28 1.12 -9.12 17.97
N ILE B 29 2.34 -8.73 17.66
CA ILE B 29 3.47 -9.62 17.74
C ILE B 29 4.03 -9.27 19.11
N GLU B 30 3.94 -10.21 20.04
CA GLU B 30 4.43 -10.01 21.40
C GLU B 30 5.79 -10.64 21.58
N PRO B 31 6.52 -10.27 22.65
CA PRO B 31 7.83 -10.89 22.83
C PRO B 31 7.70 -12.41 22.86
N LEU B 32 6.55 -12.91 23.30
CA LEU B 32 6.32 -14.36 23.34
C LEU B 32 6.45 -14.96 21.95
N HIS B 33 5.88 -14.30 20.94
CA HIS B 33 5.98 -14.83 19.57
C HIS B 33 7.43 -14.89 19.13
N LEU B 34 8.21 -13.87 19.47
CA LEU B 34 9.59 -13.83 19.06
C LEU B 34 10.44 -14.89 19.79
N SER B 36 9.34 -17.72 20.87
CA SER B 36 8.94 -19.01 20.30
C SER B 36 9.71 -19.24 19.01
N ALA B 37 9.74 -18.21 18.15
CA ALA B 37 10.44 -18.31 16.87
C ALA B 37 11.93 -18.54 17.02
N LEU B 38 12.54 -17.88 18.01
CA LEU B 38 13.97 -18.02 18.27
C LEU B 38 14.29 -19.43 18.79
N LEU B 39 13.45 -19.95 19.68
CA LEU B 39 13.66 -21.29 20.23
C LEU B 39 13.42 -22.35 19.16
N ASN B 40 12.65 -21.97 18.14
CA ASN B 40 12.29 -22.86 17.04
C ASN B 40 13.22 -22.75 15.82
N GLN B 41 14.18 -21.84 15.88
CA GLN B 41 15.10 -21.63 14.75
C GLN B 41 16.26 -22.59 14.75
N GLU B 42 16.37 -23.37 13.67
CA GLU B 42 17.47 -24.31 13.53
C GLU B 42 18.73 -23.50 13.28
N GLY B 43 19.79 -23.83 14.01
CA GLY B 43 21.03 -23.09 13.85
C GLY B 43 21.06 -21.87 14.76
N GLY B 44 19.93 -21.60 15.42
CA GLY B 44 19.83 -20.45 16.31
C GLY B 44 20.65 -20.64 17.57
N SER B 45 21.03 -19.53 18.19
CA SER B 45 21.85 -19.58 19.40
C SER B 45 21.06 -19.53 20.71
N VAL B 46 19.77 -19.22 20.63
CA VAL B 46 18.96 -19.12 21.85
C VAL B 46 18.78 -20.42 22.63
N SER B 47 18.39 -21.51 21.96
CA SER B 47 18.22 -22.78 22.68
C SER B 47 19.53 -23.22 23.35
N PRO B 48 20.64 -23.25 22.59
CA PRO B 48 21.92 -23.66 23.18
C PRO B 48 22.36 -22.73 24.31
N LEU B 49 22.11 -21.42 24.16
CA LEU B 49 22.47 -20.46 25.20
C LEU B 49 21.77 -20.89 26.49
N LEU B 50 20.46 -21.11 26.39
CA LEU B 50 19.65 -21.52 27.54
C LEU B 50 20.14 -22.86 28.09
N THR B 51 20.42 -23.81 27.21
CA THR B 51 20.87 -25.12 27.65
C THR B 51 22.20 -24.99 28.42
N SER B 52 23.09 -24.14 27.93
CA SER B 52 24.39 -23.94 28.58
C SER B 52 24.23 -23.39 30.01
N ALA B 53 23.09 -22.77 30.28
CA ALA B 53 22.84 -22.21 31.61
C ALA B 53 22.03 -23.18 32.47
N GLY B 54 21.76 -24.37 31.94
CA GLY B 54 21.01 -25.37 32.69
C GLY B 54 19.50 -25.27 32.55
N ILE B 55 19.03 -24.45 31.61
CA ILE B 55 17.60 -24.27 31.39
C ILE B 55 17.09 -25.26 30.34
N ASN B 56 16.01 -25.97 30.66
CA ASN B 56 15.45 -26.94 29.72
C ASN B 56 14.73 -26.20 28.61
N ALA B 57 15.40 -26.10 27.46
CA ALA B 57 14.87 -25.40 26.29
C ALA B 57 13.57 -26.00 25.77
N GLY B 58 13.46 -27.32 25.80
CA GLY B 58 12.26 -27.99 25.31
C GLY B 58 11.03 -27.65 26.14
N GLN B 59 11.20 -27.68 27.47
CA GLN B 59 10.11 -27.35 28.37
C GLN B 59 9.76 -25.88 28.23
N LEU B 60 10.77 -25.07 27.93
CA LEU B 60 10.54 -23.64 27.75
C LEU B 60 9.68 -23.46 26.50
N ARG B 61 10.03 -24.15 25.41
CA ARG B 61 9.26 -24.05 24.16
C ARG B 61 7.79 -24.38 24.42
N THR B 62 7.56 -25.45 25.17
CA THR B 62 6.20 -25.87 25.49
C THR B 62 5.45 -24.79 26.28
N ASP B 63 6.09 -24.24 27.30
CA ASP B 63 5.48 -23.20 28.13
C ASP B 63 5.24 -21.91 27.34
N ILE B 64 6.10 -21.61 26.38
CA ILE B 64 5.92 -20.40 25.56
C ILE B 64 4.74 -20.61 24.62
N ASN B 65 4.65 -21.79 24.03
CA ASN B 65 3.55 -22.08 23.13
C ASN B 65 2.23 -22.06 23.89
N GLN B 66 2.25 -22.52 25.13
CA GLN B 66 1.05 -22.51 25.95
C GLN B 66 0.65 -21.06 26.24
N ALA B 67 1.63 -20.22 26.53
CA ALA B 67 1.36 -18.81 26.79
C ALA B 67 0.81 -18.16 25.52
N LEU B 68 1.34 -18.54 24.36
CA LEU B 68 0.86 -18.00 23.10
C LEU B 68 -0.59 -18.39 22.84
N ASN B 69 -0.93 -19.61 23.21
CA ASN B 69 -2.29 -20.12 23.02
C ASN B 69 -3.30 -19.38 23.89
N ARG B 70 -2.81 -18.68 24.92
CA ARG B 70 -3.70 -17.94 25.81
C ARG B 70 -4.00 -16.53 25.32
N LEU B 71 -3.15 -16.01 24.45
CA LEU B 71 -3.33 -14.66 23.94
C LEU B 71 -4.69 -14.53 23.24
N PRO B 72 -5.30 -13.34 23.33
CA PRO B 72 -6.61 -13.08 22.70
C PRO B 72 -6.54 -13.26 21.18
N GLN B 73 -7.63 -13.78 20.62
CA GLN B 73 -7.70 -13.98 19.17
C GLN B 73 -8.71 -13.02 18.57
N VAL B 74 -8.39 -12.50 17.40
CA VAL B 74 -9.24 -11.56 16.68
C VAL B 74 -9.64 -12.15 15.33
N GLN B 82 3.15 -5.78 13.10
CA GLN B 82 2.10 -5.41 14.03
C GLN B 82 2.67 -5.59 15.44
N PRO B 83 3.90 -5.10 15.66
CA PRO B 83 4.60 -5.19 16.93
C PRO B 83 3.87 -4.49 18.07
N SER B 84 3.78 -5.15 19.22
CA SER B 84 3.16 -4.57 20.40
C SER B 84 4.21 -3.63 20.98
N GLN B 85 3.79 -2.72 21.85
CA GLN B 85 4.75 -1.82 22.47
C GLN B 85 5.71 -2.63 23.35
N ASP B 86 5.21 -3.72 23.95
CA ASP B 86 6.06 -4.59 24.78
C ASP B 86 7.27 -5.04 23.97
N LEU B 87 7.01 -5.45 22.73
CA LEU B 87 8.08 -5.92 21.86
C LEU B 87 9.01 -4.78 21.47
N VAL B 88 8.43 -3.62 21.16
CA VAL B 88 9.28 -2.48 20.79
C VAL B 88 10.22 -2.21 21.96
N ARG B 89 9.65 -2.19 23.16
CA ARG B 89 10.41 -1.92 24.39
C ARG B 89 11.53 -2.93 24.59
N VAL B 90 11.23 -4.21 24.46
CA VAL B 90 12.25 -5.23 24.62
C VAL B 90 13.35 -5.08 23.58
N LEU B 91 12.96 -4.83 22.32
CA LEU B 91 13.95 -4.66 21.27
C LEU B 91 14.82 -3.42 21.53
N ASN B 92 14.23 -2.38 22.12
CA ASN B 92 15.01 -1.19 22.43
C ASN B 92 16.12 -1.55 23.43
N LEU B 93 15.80 -2.45 24.37
CA LEU B 93 16.79 -2.87 25.35
C LEU B 93 17.87 -3.70 24.67
N CYS B 94 17.46 -4.54 23.72
CA CYS B 94 18.44 -5.34 22.98
C CYS B 94 19.45 -4.37 22.34
N ASP B 95 18.93 -3.30 21.76
CA ASP B 95 19.78 -2.28 21.12
C ASP B 95 20.78 -1.71 22.12
N LYS B 96 20.32 -1.33 23.31
CA LYS B 96 21.21 -0.77 24.32
C LYS B 96 22.23 -1.80 24.83
N LEU B 97 21.82 -3.06 24.95
CA LEU B 97 22.73 -4.11 25.42
C LEU B 97 23.80 -4.36 24.36
N ALA B 98 23.42 -4.21 23.10
CA ALA B 98 24.35 -4.40 22.00
C ALA B 98 25.37 -3.26 22.03
N GLN B 99 24.88 -2.05 22.28
CA GLN B 99 25.75 -0.87 22.36
C GLN B 99 26.77 -1.03 23.48
N LYS B 100 26.29 -1.38 24.67
CA LYS B 100 27.20 -1.54 25.81
C LYS B 100 28.30 -2.55 25.46
N ARG B 101 27.91 -3.66 24.83
CA ARG B 101 28.88 -4.68 24.47
C ARG B 101 29.77 -4.31 23.26
N GLY B 102 29.36 -3.30 22.52
CA GLY B 102 30.14 -2.90 21.35
C GLY B 102 29.89 -3.84 20.18
N ASP B 103 28.69 -4.39 20.11
CA ASP B 103 28.32 -5.30 19.03
C ASP B 103 27.93 -4.51 17.79
N ASN B 104 28.44 -4.93 16.64
CA ASN B 104 28.14 -4.24 15.38
C ASN B 104 26.63 -4.29 15.16
N PHE B 105 26.05 -5.49 15.24
CA PHE B 105 24.60 -5.67 15.06
C PHE B 105 23.98 -6.32 16.29
N ILE B 106 22.65 -6.21 16.39
CA ILE B 106 21.89 -6.78 17.52
C ILE B 106 21.60 -8.27 17.25
N SER B 107 22.18 -9.13 18.07
CA SER B 107 22.01 -10.58 17.91
C SER B 107 20.88 -11.18 18.73
N SER B 108 20.48 -12.40 18.37
CA SER B 108 19.39 -13.12 19.03
C SER B 108 19.59 -13.38 20.51
N GLU B 109 20.81 -13.73 20.89
CA GLU B 109 21.13 -14.02 22.29
C GLU B 109 20.73 -12.88 23.22
N LEU B 110 20.92 -11.64 22.79
CA LEU B 110 20.59 -10.50 23.63
C LEU B 110 19.11 -10.42 23.99
N PHE B 111 18.25 -10.94 23.12
CA PHE B 111 16.81 -10.89 23.38
C PHE B 111 16.48 -11.64 24.67
N VAL B 112 17.22 -12.71 24.94
CA VAL B 112 16.95 -13.48 26.14
C VAL B 112 17.21 -12.63 27.38
N LEU B 113 18.32 -11.88 27.38
CA LEU B 113 18.64 -11.04 28.51
C LEU B 113 17.67 -9.87 28.62
N ALA B 114 17.36 -9.26 27.48
CA ALA B 114 16.44 -8.13 27.47
C ALA B 114 15.05 -8.54 27.92
N ALA B 115 14.58 -9.69 27.44
CA ALA B 115 13.27 -10.19 27.82
C ALA B 115 13.18 -10.37 29.33
N LEU B 116 14.20 -11.01 29.89
CA LEU B 116 14.25 -11.27 31.34
C LEU B 116 14.11 -9.99 32.17
N GLU B 117 14.59 -8.87 31.65
CA GLU B 117 14.55 -7.60 32.37
C GLU B 117 13.39 -6.68 31.96
N SER B 118 12.43 -7.20 31.21
CA SER B 118 11.33 -6.38 30.76
C SER B 118 9.96 -6.77 31.32
N ARG B 119 9.95 -7.62 32.34
CA ARG B 119 8.71 -8.07 32.98
C ARG B 119 7.73 -8.70 31.99
N GLY B 120 6.52 -8.94 32.47
CA GLY B 120 5.50 -9.54 31.61
C GLY B 120 5.54 -11.05 31.63
N THR B 121 4.62 -11.66 30.89
CA THR B 121 4.51 -13.11 30.83
C THR B 121 5.82 -13.78 30.44
N LEU B 122 6.51 -13.20 29.46
CA LEU B 122 7.75 -13.79 29.01
C LEU B 122 8.82 -13.83 30.09
N ALA B 123 9.00 -12.72 30.81
CA ALA B 123 9.99 -12.70 31.87
C ALA B 123 9.60 -13.68 32.99
N ASP B 124 8.30 -13.79 33.27
CA ASP B 124 7.84 -14.70 34.32
C ASP B 124 8.21 -16.14 33.97
N ILE B 125 7.97 -16.51 32.71
CA ILE B 125 8.28 -17.86 32.23
C ILE B 125 9.77 -18.11 32.29
N LEU B 126 10.55 -17.15 31.80
CA LEU B 126 12.00 -17.29 31.81
C LEU B 126 12.50 -17.45 33.24
N LYS B 127 11.99 -16.62 34.13
CA LYS B 127 12.41 -16.71 35.52
C LYS B 127 12.05 -18.04 36.16
N ALA B 128 10.82 -18.52 35.91
CA ALA B 128 10.38 -19.79 36.49
C ALA B 128 11.17 -20.95 35.89
N ALA B 129 11.74 -20.72 34.71
CA ALA B 129 12.50 -21.75 34.02
C ALA B 129 13.93 -21.86 34.57
N GLY B 130 14.35 -20.87 35.34
CA GLY B 130 15.70 -20.90 35.90
C GLY B 130 16.60 -19.81 35.36
N ALA B 131 16.07 -18.95 34.50
CA ALA B 131 16.85 -17.87 33.93
C ALA B 131 17.02 -16.71 34.91
N THR B 132 18.25 -16.20 34.99
CA THR B 132 18.57 -15.08 35.85
C THR B 132 19.50 -14.15 35.09
N THR B 133 19.53 -12.89 35.49
CA THR B 133 20.39 -11.89 34.88
C THR B 133 21.81 -12.44 34.81
N ALA B 134 22.25 -13.05 35.90
CA ALA B 134 23.59 -13.62 35.99
C ALA B 134 23.89 -14.81 35.09
N ASN B 135 23.09 -15.88 35.16
CA ASN B 135 23.42 -17.02 34.31
C ASN B 135 23.24 -16.75 32.82
N ILE B 136 22.36 -15.82 32.46
CA ILE B 136 22.20 -15.52 31.04
C ILE B 136 23.34 -14.63 30.56
N THR B 137 23.68 -13.62 31.35
CA THR B 137 24.78 -12.73 30.98
C THR B 137 26.06 -13.55 30.84
N GLN B 138 26.23 -14.51 31.74
CA GLN B 138 27.43 -15.38 31.71
C GLN B 138 27.41 -16.35 30.54
N ALA B 139 26.23 -16.87 30.20
CA ALA B 139 26.12 -17.81 29.09
C ALA B 139 26.48 -17.09 27.79
N ILE B 140 26.07 -15.83 27.69
CA ILE B 140 26.35 -15.01 26.51
C ILE B 140 27.85 -14.77 26.39
N GLU B 141 28.47 -14.42 27.50
CA GLU B 141 29.91 -14.15 27.50
C GLU B 141 30.75 -15.40 27.28
N GLN B 142 30.13 -16.57 27.46
CA GLN B 142 30.84 -17.83 27.28
C GLN B 142 30.71 -18.33 25.84
N ASP C 4 -14.15 -12.16 4.47
CA ASP C 4 -14.51 -11.37 5.69
C ASP C 4 -15.95 -11.69 6.09
N ARG C 5 -16.88 -11.00 5.46
CA ARG C 5 -18.31 -11.21 5.71
C ARG C 5 -18.88 -11.86 4.46
N LEU C 6 -17.97 -12.28 3.59
CA LEU C 6 -18.32 -12.94 2.34
C LEU C 6 -18.53 -14.41 2.61
N THR C 7 -19.28 -15.09 1.75
CA THR C 7 -19.51 -16.51 1.90
C THR C 7 -18.16 -17.20 1.69
N ASN C 8 -18.04 -18.44 2.16
CA ASN C 8 -16.79 -19.17 2.01
C ASN C 8 -16.41 -19.31 0.55
N LYS C 9 -17.37 -19.66 -0.29
CA LYS C 9 -17.13 -19.81 -1.73
C LYS C 9 -16.59 -18.52 -2.31
N PHE C 10 -17.27 -17.41 -2.00
CA PHE C 10 -16.88 -16.08 -2.47
C PHE C 10 -15.45 -15.79 -2.01
N GLN C 11 -15.15 -16.09 -0.75
CA GLN C 11 -13.82 -15.86 -0.22
C GLN C 11 -12.77 -16.63 -1.02
N LEU C 12 -13.09 -17.87 -1.36
CA LEU C 12 -12.17 -18.71 -2.13
C LEU C 12 -11.95 -18.12 -3.52
N ALA C 13 -13.02 -17.62 -4.13
CA ALA C 13 -12.93 -17.03 -5.47
C ALA C 13 -12.03 -15.81 -5.44
N LEU C 14 -12.12 -15.03 -4.36
CA LEU C 14 -11.30 -13.83 -4.22
C LEU C 14 -9.83 -14.18 -4.18
N ALA C 15 -9.50 -15.25 -3.45
CA ALA C 15 -8.12 -15.70 -3.35
C ALA C 15 -7.67 -16.14 -4.74
N ASP C 16 -8.57 -16.84 -5.43
CA ASP C 16 -8.30 -17.30 -6.78
C ASP C 16 -8.09 -16.11 -7.71
N ALA C 17 -8.93 -15.08 -7.56
CA ALA C 17 -8.82 -13.89 -8.40
C ALA C 17 -7.43 -13.29 -8.25
N GLN C 18 -6.94 -13.24 -7.02
CA GLN C 18 -5.62 -12.69 -6.76
C GLN C 18 -4.54 -13.46 -7.51
N SER C 19 -4.60 -14.80 -7.45
CA SER C 19 -3.62 -15.64 -8.14
C SER C 19 -3.71 -15.49 -9.67
N LEU C 20 -4.90 -15.20 -10.16
CA LEU C 20 -5.08 -15.01 -11.60
C LEU C 20 -4.37 -13.73 -12.02
N ALA C 21 -4.57 -12.67 -11.24
CA ALA C 21 -3.93 -11.39 -11.53
C ALA C 21 -2.41 -11.52 -11.46
N LEU C 22 -1.93 -12.17 -10.40
CA LEU C 22 -0.50 -12.37 -10.21
C LEU C 22 0.13 -13.14 -11.37
N GLY C 23 -0.58 -14.16 -11.84
CA GLY C 23 -0.10 -14.98 -12.95
C GLY C 23 0.00 -14.32 -14.31
N HIS C 24 -0.54 -13.11 -14.43
CA HIS C 24 -0.49 -12.36 -15.70
C HIS C 24 0.33 -11.10 -15.46
N ASP C 25 0.89 -10.98 -14.26
CA ASP C 25 1.66 -9.81 -13.90
C ASP C 25 0.79 -8.55 -13.98
N ASN C 26 -0.49 -8.70 -13.61
CA ASN C 26 -1.41 -7.58 -13.59
C ASN C 26 -1.12 -6.96 -12.23
N GLN C 27 -1.13 -5.63 -12.15
CA GLN C 27 -0.82 -4.97 -10.90
C GLN C 27 -1.93 -4.87 -9.87
N PHE C 28 -3.19 -5.08 -10.29
CA PHE C 28 -4.30 -5.03 -9.35
C PHE C 28 -5.32 -6.12 -9.62
N ILE C 29 -6.07 -6.48 -8.60
CA ILE C 29 -7.11 -7.48 -8.77
C ILE C 29 -8.31 -6.66 -9.25
N GLU C 30 -8.78 -6.98 -10.44
CA GLU C 30 -9.90 -6.28 -11.06
C GLU C 30 -11.18 -7.09 -10.94
N PRO C 31 -12.33 -6.45 -11.14
CA PRO C 31 -13.61 -7.16 -11.05
C PRO C 31 -13.59 -8.34 -12.04
N LEU C 32 -12.88 -8.16 -13.15
CA LEU C 32 -12.74 -9.19 -14.18
C LEU C 32 -12.10 -10.46 -13.62
N HIS C 33 -11.07 -10.29 -12.80
CA HIS C 33 -10.38 -11.43 -12.20
C HIS C 33 -11.36 -12.23 -11.33
N LEU C 34 -12.17 -11.52 -10.54
CA LEU C 34 -13.13 -12.18 -9.65
C LEU C 34 -14.24 -12.88 -10.44
N SER C 36 -13.97 -14.13 -13.37
CA SER C 36 -13.37 -15.30 -13.99
C SER C 36 -13.26 -16.43 -12.97
N ALA C 37 -12.83 -16.07 -11.77
CA ALA C 37 -12.66 -17.04 -10.69
C ALA C 37 -14.01 -17.68 -10.34
N LEU C 38 -15.04 -16.86 -10.20
CA LEU C 38 -16.37 -17.34 -9.87
C LEU C 38 -16.98 -18.20 -10.96
N LEU C 39 -16.72 -17.83 -12.22
CA LEU C 39 -17.25 -18.59 -13.35
C LEU C 39 -16.63 -19.97 -13.45
N ASN C 40 -15.35 -20.08 -13.12
CA ASN C 40 -14.66 -21.36 -13.20
C ASN C 40 -14.65 -22.12 -11.89
N GLN C 41 -15.38 -21.63 -10.90
CA GLN C 41 -15.43 -22.28 -9.59
C GLN C 41 -16.43 -23.43 -9.52
N GLU C 42 -15.92 -24.63 -9.31
CA GLU C 42 -16.76 -25.82 -9.19
C GLU C 42 -17.75 -25.63 -8.04
N GLY C 43 -19.03 -25.84 -8.30
CA GLY C 43 -20.04 -25.71 -7.27
C GLY C 43 -20.45 -24.28 -6.97
N GLY C 44 -20.06 -23.34 -7.80
CA GLY C 44 -20.43 -21.95 -7.56
C GLY C 44 -21.87 -21.68 -7.93
N SER C 45 -22.47 -20.69 -7.29
CA SER C 45 -23.86 -20.34 -7.58
C SER C 45 -23.97 -19.44 -8.80
N VAL C 46 -22.84 -18.86 -9.21
CA VAL C 46 -22.82 -17.95 -10.36
C VAL C 46 -23.18 -18.64 -11.67
N SER C 47 -22.70 -19.87 -11.86
CA SER C 47 -22.99 -20.62 -13.07
C SER C 47 -24.50 -20.79 -13.29
N PRO C 48 -25.21 -21.33 -12.28
CA PRO C 48 -26.65 -21.56 -12.33
C PRO C 48 -27.39 -20.24 -12.44
N LEU C 49 -26.83 -19.23 -11.77
CA LEU C 49 -27.43 -17.90 -11.80
C LEU C 49 -27.53 -17.46 -13.24
N LEU C 50 -26.40 -17.57 -13.96
CA LEU C 50 -26.36 -17.17 -15.36
C LEU C 50 -27.33 -17.98 -16.21
N THR C 51 -27.32 -19.29 -16.02
CA THR C 51 -28.21 -20.19 -16.75
C THR C 51 -29.65 -19.75 -16.56
N SER C 52 -30.02 -19.47 -15.31
CA SER C 52 -31.38 -19.04 -14.99
C SER C 52 -31.76 -17.76 -15.73
N ALA C 53 -30.83 -16.81 -15.76
CA ALA C 53 -31.09 -15.53 -16.44
C ALA C 53 -31.05 -15.68 -17.96
N GLY C 54 -30.64 -16.84 -18.44
CA GLY C 54 -30.57 -17.08 -19.87
C GLY C 54 -29.30 -16.54 -20.53
N ILE C 55 -28.24 -16.41 -19.73
CA ILE C 55 -26.98 -15.90 -20.22
C ILE C 55 -26.06 -17.00 -20.73
N ASN C 56 -25.48 -16.82 -21.91
CA ASN C 56 -24.59 -17.81 -22.49
C ASN C 56 -23.22 -17.77 -21.80
N ALA C 57 -23.02 -18.68 -20.84
CA ALA C 57 -21.78 -18.75 -20.09
C ALA C 57 -20.55 -18.90 -20.99
N GLY C 58 -20.69 -19.66 -22.07
CA GLY C 58 -19.59 -19.86 -23.00
C GLY C 58 -19.09 -18.59 -23.63
N GLN C 59 -20.00 -17.72 -24.05
CA GLN C 59 -19.61 -16.45 -24.67
C GLN C 59 -19.08 -15.49 -23.62
N LEU C 60 -19.68 -15.53 -22.44
CA LEU C 60 -19.24 -14.66 -21.34
C LEU C 60 -17.80 -15.00 -21.01
N ARG C 61 -17.49 -16.30 -20.92
CA ARG C 61 -16.14 -16.73 -20.61
C ARG C 61 -15.16 -16.18 -21.65
N THR C 62 -15.55 -16.30 -22.92
CA THR C 62 -14.72 -15.83 -24.02
C THR C 62 -14.48 -14.32 -23.92
N ASP C 63 -15.54 -13.56 -23.71
CA ASP C 63 -15.40 -12.11 -23.62
C ASP C 63 -14.56 -11.71 -22.41
N ILE C 64 -14.72 -12.44 -21.31
CA ILE C 64 -13.95 -12.15 -20.11
C ILE C 64 -12.47 -12.42 -20.35
N ASN C 65 -12.15 -13.53 -21.00
CA ASN C 65 -10.75 -13.84 -21.26
C ASN C 65 -10.11 -12.79 -22.18
N GLN C 66 -10.86 -12.32 -23.18
CA GLN C 66 -10.34 -11.30 -24.08
C GLN C 66 -10.08 -10.02 -23.28
N ALA C 67 -11.00 -9.67 -22.39
CA ALA C 67 -10.82 -8.46 -21.57
C ALA C 67 -9.63 -8.58 -20.63
N LEU C 68 -9.46 -9.76 -20.04
CA LEU C 68 -8.33 -10.00 -19.15
C LEU C 68 -7.01 -9.74 -19.87
N ASN C 69 -6.93 -10.25 -21.09
CA ASN C 69 -5.75 -10.09 -21.91
C ASN C 69 -5.43 -8.61 -22.20
N ARG C 70 -6.43 -7.75 -22.11
CA ARG C 70 -6.23 -6.33 -22.37
C ARG C 70 -5.69 -5.56 -21.16
N LEU C 71 -5.80 -6.14 -19.97
CA LEU C 71 -5.27 -5.47 -18.78
C LEU C 71 -3.76 -5.34 -18.92
N PRO C 72 -3.19 -4.22 -18.45
CA PRO C 72 -1.74 -4.02 -18.54
C PRO C 72 -0.98 -5.08 -17.75
N GLN C 73 0.11 -5.58 -18.31
CA GLN C 73 0.92 -6.58 -17.64
C GLN C 73 2.28 -5.96 -17.32
N VAL C 74 2.75 -6.19 -16.10
CA VAL C 74 4.03 -5.66 -15.61
C VAL C 74 4.10 -4.15 -15.82
N ASP C 80 0.67 -10.76 -3.39
CA ASP C 80 1.60 -9.76 -3.88
C ASP C 80 0.83 -8.50 -4.28
N VAL C 81 -0.25 -8.68 -5.02
CA VAL C 81 -1.08 -7.56 -5.48
C VAL C 81 -2.40 -7.39 -4.74
N GLN C 82 -2.98 -6.20 -4.88
CA GLN C 82 -4.22 -5.84 -4.20
C GLN C 82 -5.35 -5.43 -5.13
N PRO C 83 -6.56 -5.24 -4.57
CA PRO C 83 -7.72 -4.83 -5.34
C PRO C 83 -7.59 -3.44 -5.95
N SER C 84 -8.13 -3.27 -7.15
CA SER C 84 -8.11 -1.98 -7.81
C SER C 84 -9.22 -1.18 -7.15
N GLN C 85 -9.27 0.12 -7.43
CA GLN C 85 -10.31 0.97 -6.85
C GLN C 85 -11.67 0.47 -7.32
N ASP C 86 -11.74 0.01 -8.57
CA ASP C 86 -12.99 -0.49 -9.11
C ASP C 86 -13.47 -1.73 -8.36
N LEU C 87 -12.55 -2.63 -8.00
CA LEU C 87 -12.96 -3.82 -7.25
C LEU C 87 -13.44 -3.39 -5.86
N VAL C 88 -12.74 -2.44 -5.25
CA VAL C 88 -13.10 -1.92 -3.93
C VAL C 88 -14.54 -1.42 -4.01
N ARG C 89 -14.79 -0.58 -5.01
CA ARG C 89 -16.10 0.00 -5.21
C ARG C 89 -17.19 -1.06 -5.42
N VAL C 90 -16.91 -2.06 -6.23
CA VAL C 90 -17.91 -3.11 -6.48
C VAL C 90 -18.18 -3.99 -5.27
N LEU C 91 -17.15 -4.29 -4.49
CA LEU C 91 -17.35 -5.14 -3.31
C LEU C 91 -18.11 -4.36 -2.23
N ASN C 92 -17.89 -3.04 -2.17
CA ASN C 92 -18.62 -2.26 -1.18
C ASN C 92 -20.08 -2.24 -1.58
N LEU C 93 -20.36 -2.22 -2.89
CA LEU C 93 -21.74 -2.24 -3.35
C LEU C 93 -22.38 -3.61 -3.04
N CYS C 94 -21.58 -4.68 -3.13
CA CYS C 94 -22.09 -6.02 -2.82
C CYS C 94 -22.55 -6.02 -1.38
N ASP C 95 -21.75 -5.38 -0.54
CA ASP C 95 -22.05 -5.29 0.88
C ASP C 95 -23.36 -4.55 1.08
N LYS C 96 -23.52 -3.42 0.39
CA LYS C 96 -24.74 -2.64 0.51
C LYS C 96 -25.95 -3.41 0.01
N LEU C 97 -25.78 -4.15 -1.07
CA LEU C 97 -26.89 -4.93 -1.63
C LEU C 97 -27.31 -6.02 -0.64
N ALA C 98 -26.33 -6.62 0.05
CA ALA C 98 -26.64 -7.67 1.02
C ALA C 98 -27.38 -7.04 2.20
N GLN C 99 -26.94 -5.86 2.61
CA GLN C 99 -27.57 -5.15 3.72
C GLN C 99 -29.00 -4.77 3.36
N LYS C 100 -29.21 -4.28 2.15
CA LYS C 100 -30.54 -3.88 1.70
C LYS C 100 -31.47 -5.08 1.67
N ARG C 101 -30.93 -6.21 1.23
CA ARG C 101 -31.68 -7.46 1.14
C ARG C 101 -31.99 -8.03 2.52
N GLY C 102 -31.02 -7.90 3.43
CA GLY C 102 -31.19 -8.42 4.78
C GLY C 102 -30.47 -9.75 4.91
N ASP C 103 -29.36 -9.91 4.17
CA ASP C 103 -28.58 -11.13 4.23
C ASP C 103 -27.46 -10.96 5.24
N ASN C 104 -27.22 -11.98 6.07
CA ASN C 104 -26.17 -11.90 7.08
C ASN C 104 -24.80 -11.94 6.41
N PHE C 105 -24.72 -12.57 5.25
CA PHE C 105 -23.46 -12.66 4.53
C PHE C 105 -23.62 -12.21 3.08
N ILE C 106 -22.49 -11.97 2.41
CA ILE C 106 -22.49 -11.51 1.04
C ILE C 106 -22.25 -12.67 0.06
N SER C 107 -23.23 -12.92 -0.81
CA SER C 107 -23.14 -14.02 -1.77
C SER C 107 -22.55 -13.61 -3.10
N SER C 108 -21.96 -14.58 -3.79
CA SER C 108 -21.34 -14.38 -5.09
C SER C 108 -22.36 -13.84 -6.10
N GLU C 109 -23.63 -14.20 -5.91
CA GLU C 109 -24.69 -13.76 -6.81
C GLU C 109 -24.83 -12.23 -6.79
N LEU C 110 -24.64 -11.63 -5.61
CA LEU C 110 -24.75 -10.19 -5.49
C LEU C 110 -23.64 -9.47 -6.24
N PHE C 111 -22.52 -10.15 -6.42
CA PHE C 111 -21.38 -9.60 -7.13
C PHE C 111 -21.75 -9.34 -8.59
N VAL C 112 -22.46 -10.29 -9.19
CA VAL C 112 -22.89 -10.15 -10.58
C VAL C 112 -23.78 -8.92 -10.71
N LEU C 113 -24.75 -8.79 -9.81
CA LEU C 113 -25.66 -7.66 -9.84
C LEU C 113 -24.92 -6.34 -9.64
N ALA C 114 -24.02 -6.30 -8.65
CA ALA C 114 -23.24 -5.10 -8.35
C ALA C 114 -22.36 -4.67 -9.53
N ALA C 115 -21.72 -5.65 -10.16
CA ALA C 115 -20.86 -5.37 -11.30
C ALA C 115 -21.68 -4.71 -12.40
N LEU C 116 -22.85 -5.28 -12.64
CA LEU C 116 -23.76 -4.78 -13.66
C LEU C 116 -24.20 -3.35 -13.37
N GLU C 117 -24.48 -3.06 -12.10
CA GLU C 117 -24.92 -1.73 -11.70
C GLU C 117 -23.79 -0.70 -11.60
N SER C 118 -22.55 -1.17 -11.67
CA SER C 118 -21.42 -0.26 -11.57
C SER C 118 -20.97 0.30 -12.91
N ARG C 119 -21.52 -0.23 -13.99
CA ARG C 119 -21.20 0.25 -15.32
C ARG C 119 -19.70 0.43 -15.58
N GLY C 120 -18.97 -0.67 -15.54
CA GLY C 120 -17.54 -0.64 -15.80
C GLY C 120 -17.24 -1.62 -16.92
N THR C 121 -15.99 -2.09 -17.00
CA THR C 121 -15.64 -3.04 -18.05
C THR C 121 -16.46 -4.31 -17.87
N LEU C 122 -16.60 -4.76 -16.62
CA LEU C 122 -17.35 -5.97 -16.35
C LEU C 122 -18.81 -5.81 -16.71
N ALA C 123 -19.40 -4.66 -16.38
CA ALA C 123 -20.80 -4.42 -16.72
C ALA C 123 -20.93 -4.54 -18.23
N ASP C 124 -19.98 -3.94 -18.97
CA ASP C 124 -20.02 -4.00 -20.43
C ASP C 124 -20.00 -5.44 -20.93
N ILE C 125 -19.10 -6.24 -20.39
CA ILE C 125 -18.98 -7.64 -20.79
C ILE C 125 -20.21 -8.47 -20.44
N LEU C 126 -20.76 -8.26 -19.24
CA LEU C 126 -21.92 -9.02 -18.82
C LEU C 126 -23.06 -8.74 -19.79
N LYS C 127 -23.24 -7.47 -20.14
CA LYS C 127 -24.29 -7.09 -21.08
C LYS C 127 -24.03 -7.67 -22.47
N ALA C 128 -22.75 -7.83 -22.81
CA ALA C 128 -22.39 -8.38 -24.12
C ALA C 128 -22.90 -9.82 -24.22
N ALA C 129 -23.01 -10.48 -23.06
CA ALA C 129 -23.47 -11.86 -23.00
C ALA C 129 -24.98 -11.95 -22.75
N GLY C 130 -25.66 -10.80 -22.69
CA GLY C 130 -27.10 -10.81 -22.48
C GLY C 130 -27.61 -10.51 -21.09
N ALA C 131 -26.72 -10.22 -20.15
CA ALA C 131 -27.12 -9.94 -18.77
C ALA C 131 -27.73 -8.55 -18.58
N THR C 132 -28.72 -8.46 -17.68
CA THR C 132 -29.43 -7.22 -17.37
C THR C 132 -29.65 -7.11 -15.86
N THR C 133 -29.94 -5.90 -15.39
CA THR C 133 -30.20 -5.68 -13.97
C THR C 133 -31.47 -6.45 -13.62
N ALA C 134 -32.43 -6.41 -14.54
CA ALA C 134 -33.70 -7.09 -14.37
C ALA C 134 -33.61 -8.61 -14.36
N ASN C 135 -33.03 -9.23 -15.40
CA ASN C 135 -32.95 -10.68 -15.42
C ASN C 135 -32.03 -11.26 -14.33
N ILE C 136 -31.01 -10.52 -13.93
CA ILE C 136 -30.13 -10.99 -12.86
C ILE C 136 -30.94 -10.96 -11.57
N THR C 137 -31.68 -9.88 -11.36
CA THR C 137 -32.51 -9.78 -10.16
C THR C 137 -33.53 -10.91 -10.17
N GLN C 138 -34.09 -11.18 -11.35
CA GLN C 138 -35.06 -12.25 -11.49
C GLN C 138 -34.42 -13.60 -11.21
N ALA C 139 -33.24 -13.84 -11.78
CA ALA C 139 -32.56 -15.11 -11.56
C ALA C 139 -32.26 -15.27 -10.07
N ILE C 140 -31.83 -14.20 -9.42
CA ILE C 140 -31.55 -14.27 -7.99
C ILE C 140 -32.83 -14.65 -7.26
N GLU C 141 -33.96 -14.12 -7.73
CA GLU C 141 -35.24 -14.45 -7.11
C GLU C 141 -35.62 -15.93 -7.30
N GLN C 142 -35.37 -16.46 -8.49
CA GLN C 142 -35.69 -17.86 -8.76
C GLN C 142 -34.90 -18.85 -7.92
N ASP D 4 9.80 13.92 -1.12
CA ASP D 4 10.34 12.84 -0.24
C ASP D 4 11.54 12.17 -0.89
N ARG D 5 11.30 11.06 -1.60
CA ARG D 5 12.36 10.34 -2.29
C ARG D 5 11.92 9.70 -3.59
N LEU D 6 12.89 9.18 -4.32
CA LEU D 6 12.63 8.54 -5.61
C LEU D 6 12.39 7.04 -5.42
N THR D 7 11.63 6.46 -6.33
CA THR D 7 11.35 5.02 -6.28
C THR D 7 12.70 4.36 -6.55
N ASN D 8 12.88 3.12 -6.11
CA ASN D 8 14.15 2.44 -6.36
C ASN D 8 14.40 2.37 -7.86
N LYS D 9 13.32 2.26 -8.63
CA LYS D 9 13.39 2.19 -10.08
C LYS D 9 14.02 3.46 -10.65
N PHE D 10 13.59 4.60 -10.11
CA PHE D 10 14.09 5.91 -10.53
C PHE D 10 15.53 6.05 -10.02
N GLN D 11 15.77 5.55 -8.81
CA GLN D 11 17.09 5.61 -8.20
C GLN D 11 18.14 4.87 -9.03
N LEU D 12 17.77 3.70 -9.54
CA LEU D 12 18.68 2.91 -10.35
C LEU D 12 18.92 3.58 -11.69
N ALA D 13 17.92 4.33 -12.17
CA ALA D 13 18.04 5.03 -13.43
C ALA D 13 19.11 6.10 -13.27
N LEU D 14 19.04 6.85 -12.18
CA LEU D 14 20.00 7.91 -11.91
C LEU D 14 21.41 7.37 -11.78
N ALA D 15 21.55 6.19 -11.18
CA ALA D 15 22.86 5.57 -11.00
C ALA D 15 23.43 5.25 -12.37
N ASP D 16 22.59 4.73 -13.24
CA ASP D 16 23.01 4.37 -14.59
C ASP D 16 23.33 5.65 -15.38
N ALA D 17 22.51 6.69 -15.18
CA ALA D 17 22.73 7.95 -15.87
C ALA D 17 24.13 8.45 -15.54
N GLN D 18 24.50 8.34 -14.27
CA GLN D 18 25.80 8.77 -13.81
C GLN D 18 26.93 7.96 -14.46
N SER D 19 26.76 6.65 -14.51
CA SER D 19 27.79 5.80 -15.12
C SER D 19 27.88 6.10 -16.61
N LEU D 20 26.76 6.49 -17.21
CA LEU D 20 26.76 6.81 -18.64
C LEU D 20 27.58 8.06 -18.91
N ALA D 21 27.43 9.07 -18.05
CA ALA D 21 28.16 10.32 -18.21
C ALA D 21 29.65 10.07 -17.99
N LEU D 22 29.97 9.33 -16.93
CA LEU D 22 31.35 8.99 -16.61
C LEU D 22 32.00 8.22 -17.77
N GLY D 23 31.22 7.37 -18.41
CA GLY D 23 31.73 6.57 -19.51
C GLY D 23 32.05 7.32 -20.80
N HIS D 24 31.60 8.57 -20.88
CA HIS D 24 31.85 9.42 -22.04
C HIS D 24 32.77 10.57 -21.65
N ASP D 25 33.29 10.51 -20.43
CA ASP D 25 34.11 11.59 -19.90
C ASP D 25 33.36 12.91 -19.91
N ASN D 26 32.03 12.84 -19.80
CA ASN D 26 31.21 14.03 -19.71
C ASN D 26 31.40 14.48 -18.27
N GLN D 27 31.46 15.79 -18.03
CA GLN D 27 31.69 16.25 -16.66
C GLN D 27 30.43 16.45 -15.83
N PHE D 28 29.27 16.46 -16.47
CA PHE D 28 28.01 16.61 -15.74
C PHE D 28 26.95 15.63 -16.21
N ILE D 29 26.04 15.28 -15.32
CA ILE D 29 24.96 14.37 -15.64
C ILE D 29 23.84 15.29 -16.12
N GLU D 30 23.42 15.09 -17.37
CA GLU D 30 22.39 15.92 -17.97
C GLU D 30 21.07 15.18 -18.05
N PRO D 31 19.97 15.90 -18.25
CA PRO D 31 18.66 15.26 -18.34
C PRO D 31 18.73 14.19 -19.44
N LEU D 32 19.58 14.43 -20.43
CA LEU D 32 19.76 13.50 -21.55
C LEU D 32 20.22 12.13 -21.07
N HIS D 33 21.18 12.12 -20.14
CA HIS D 33 21.70 10.88 -19.59
C HIS D 33 20.60 10.12 -18.88
N LEU D 34 19.84 10.82 -18.04
CA LEU D 34 18.75 10.18 -17.29
C LEU D 34 17.66 9.64 -18.21
N SER D 36 18.05 8.61 -21.24
CA SER D 36 18.60 7.44 -21.90
C SER D 36 18.47 6.22 -21.00
N ALA D 37 18.84 6.38 -19.73
CA ALA D 37 18.75 5.32 -18.74
C ALA D 37 17.32 4.82 -18.56
N LEU D 38 16.37 5.76 -18.47
CA LEU D 38 14.97 5.41 -18.28
C LEU D 38 14.31 4.72 -19.46
N LEU D 39 14.72 5.08 -20.68
CA LEU D 39 14.13 4.49 -21.87
C LEU D 39 14.54 3.04 -22.11
N ASN D 40 15.68 2.63 -21.57
CA ASN D 40 16.12 1.26 -21.76
C ASN D 40 16.32 0.47 -20.47
N GLN D 41 15.69 0.95 -19.39
CA GLN D 41 15.79 0.26 -18.11
C GLN D 41 14.85 -0.93 -18.10
N GLU D 42 15.30 -2.03 -17.52
CA GLU D 42 14.50 -3.25 -17.42
C GLU D 42 13.19 -2.96 -16.68
N GLY D 43 12.07 -3.28 -17.31
CA GLY D 43 10.77 -3.06 -16.69
C GLY D 43 10.39 -1.60 -16.51
N GLY D 44 11.13 -0.70 -17.14
CA GLY D 44 10.83 0.72 -17.03
C GLY D 44 9.46 1.11 -17.51
N SER D 45 8.93 2.20 -16.93
CA SER D 45 7.59 2.67 -17.29
C SER D 45 7.62 3.81 -18.31
N VAL D 46 8.79 4.40 -18.51
CA VAL D 46 8.93 5.52 -19.43
C VAL D 46 8.63 5.20 -20.89
N SER D 47 9.18 4.09 -21.39
CA SER D 47 8.95 3.70 -22.78
C SER D 47 7.46 3.46 -23.01
N PRO D 48 6.84 2.57 -22.22
CA PRO D 48 5.41 2.27 -22.37
C PRO D 48 4.55 3.52 -22.30
N LEU D 49 4.93 4.46 -21.44
CA LEU D 49 4.20 5.71 -21.27
C LEU D 49 4.24 6.56 -22.53
N LEU D 50 5.42 6.71 -23.11
CA LEU D 50 5.59 7.51 -24.32
C LEU D 50 4.81 6.95 -25.51
N THR D 51 4.87 5.65 -25.74
CA THR D 51 4.15 5.06 -26.87
C THR D 51 2.65 5.23 -26.71
N SER D 52 2.16 5.14 -25.48
CA SER D 52 0.74 5.29 -25.20
C SER D 52 0.30 6.69 -25.59
N ALA D 53 1.26 7.62 -25.59
CA ALA D 53 0.99 9.00 -25.94
C ALA D 53 1.19 9.22 -27.45
N GLY D 54 1.58 8.16 -28.14
CA GLY D 54 1.80 8.24 -29.57
C GLY D 54 3.16 8.76 -29.96
N ILE D 55 4.17 8.42 -29.16
CA ILE D 55 5.54 8.85 -29.41
C ILE D 55 6.42 7.62 -29.65
N ASN D 56 7.22 7.64 -30.69
CA ASN D 56 8.08 6.50 -30.98
C ASN D 56 9.30 6.48 -30.08
N ALA D 57 9.29 5.56 -29.11
CA ALA D 57 10.38 5.43 -28.16
C ALA D 57 11.68 5.01 -28.83
N GLY D 58 11.56 4.18 -29.86
CA GLY D 58 12.75 3.71 -30.57
C GLY D 58 13.51 4.85 -31.21
N GLN D 59 12.79 5.73 -31.89
CA GLN D 59 13.39 6.89 -32.55
C GLN D 59 13.92 7.86 -31.49
N LEU D 60 13.18 7.99 -30.40
CA LEU D 60 13.59 8.87 -29.30
C LEU D 60 14.96 8.43 -28.78
N ARG D 61 15.12 7.12 -28.54
CA ARG D 61 16.39 6.61 -28.05
C ARG D 61 17.51 7.02 -29.00
N THR D 62 17.28 6.79 -30.28
CA THR D 62 18.24 7.12 -31.32
C THR D 62 18.61 8.59 -31.24
N ASP D 63 17.59 9.44 -31.17
CA ASP D 63 17.77 10.89 -31.11
C ASP D 63 18.51 11.30 -29.85
N ILE D 64 18.20 10.63 -28.74
CA ILE D 64 18.85 10.92 -27.46
C ILE D 64 20.34 10.60 -27.52
N ASN D 65 20.67 9.40 -27.99
CA ASN D 65 22.08 8.99 -28.08
C ASN D 65 22.86 9.91 -28.98
N GLN D 66 22.20 10.39 -30.03
CA GLN D 66 22.83 11.29 -30.97
C GLN D 66 23.13 12.60 -30.26
N ALA D 67 22.24 12.98 -29.34
CA ALA D 67 22.40 14.21 -28.56
C ALA D 67 23.48 14.03 -27.49
N LEU D 68 23.52 12.85 -26.88
CA LEU D 68 24.53 12.57 -25.87
C LEU D 68 25.91 12.65 -26.48
N ASN D 69 26.02 12.16 -27.71
CA ASN D 69 27.29 12.18 -28.44
C ASN D 69 27.84 13.59 -28.67
N ARG D 70 26.96 14.59 -28.63
CA ARG D 70 27.37 15.98 -28.87
C ARG D 70 27.93 16.68 -27.64
N LEU D 71 27.63 16.15 -26.47
CA LEU D 71 28.10 16.77 -25.24
C LEU D 71 29.62 16.78 -25.14
N PRO D 72 30.19 17.82 -24.51
CA PRO D 72 31.64 17.92 -24.37
C PRO D 72 32.24 16.73 -23.62
N GLN D 73 33.34 16.21 -24.12
CA GLN D 73 34.01 15.09 -23.47
C GLN D 73 35.40 15.55 -23.10
N VAL D 74 35.76 15.40 -21.83
CA VAL D 74 37.08 15.83 -21.36
C VAL D 74 37.96 14.65 -21.01
N GLU D 75 38.86 14.32 -21.92
CA GLU D 75 39.77 13.20 -21.67
C GLU D 75 40.49 13.52 -20.36
N GLY D 76 40.56 12.54 -19.47
CA GLY D 76 41.25 12.73 -18.21
C GLY D 76 40.42 13.28 -17.05
N THR D 77 39.25 13.85 -17.30
CA THR D 77 38.43 14.39 -16.20
C THR D 77 38.25 13.34 -15.11
N GLY D 78 38.33 13.77 -13.86
CA GLY D 78 38.20 12.85 -12.75
C GLY D 78 36.88 12.08 -12.75
N GLY D 79 36.91 10.89 -12.15
CA GLY D 79 35.72 10.06 -12.07
C GLY D 79 34.93 10.52 -10.86
N ASP D 80 34.32 11.68 -11.02
CA ASP D 80 33.52 12.34 -10.01
C ASP D 80 32.54 13.09 -10.89
N VAL D 81 31.35 12.51 -11.09
CA VAL D 81 30.39 13.15 -11.98
C VAL D 81 29.18 13.78 -11.29
N GLN D 82 29.18 15.10 -11.35
CA GLN D 82 28.18 15.98 -10.77
C GLN D 82 26.96 16.24 -11.68
N PRO D 83 25.74 16.34 -11.10
CA PRO D 83 24.59 16.61 -11.96
C PRO D 83 24.58 18.08 -12.40
N SER D 84 24.08 18.34 -13.61
CA SER D 84 24.02 19.72 -14.11
C SER D 84 22.93 20.49 -13.38
N GLN D 85 22.95 21.81 -13.50
CA GLN D 85 21.94 22.63 -12.84
C GLN D 85 20.58 22.32 -13.46
N ASP D 86 20.57 22.02 -14.76
CA ASP D 86 19.32 21.70 -15.43
C ASP D 86 18.73 20.40 -14.89
N LEU D 87 19.58 19.42 -14.65
CA LEU D 87 19.10 18.15 -14.10
C LEU D 87 18.56 18.38 -12.69
N VAL D 88 19.23 19.24 -11.93
CA VAL D 88 18.78 19.54 -10.57
C VAL D 88 17.39 20.14 -10.64
N ARG D 89 17.23 21.09 -11.54
CA ARG D 89 15.94 21.77 -11.72
C ARG D 89 14.86 20.78 -12.13
N VAL D 90 15.19 19.88 -13.05
CA VAL D 90 14.22 18.89 -13.50
C VAL D 90 13.81 17.95 -12.39
N LEU D 91 14.79 17.50 -11.59
CA LEU D 91 14.48 16.59 -10.49
C LEU D 91 13.65 17.30 -9.42
N ASN D 92 13.88 18.60 -9.24
CA ASN D 92 13.09 19.32 -8.26
C ASN D 92 11.66 19.44 -8.74
N LEU D 93 11.47 19.57 -10.06
CA LEU D 93 10.13 19.67 -10.61
C LEU D 93 9.41 18.31 -10.48
N CYS D 94 10.17 17.23 -10.59
CA CYS D 94 9.59 15.90 -10.42
C CYS D 94 9.06 15.82 -9.00
N ASP D 95 9.83 16.37 -8.06
CA ASP D 95 9.44 16.37 -6.66
C ASP D 95 8.14 17.14 -6.49
N LYS D 96 8.07 18.33 -7.06
CA LYS D 96 6.85 19.14 -6.98
C LYS D 96 5.66 18.44 -7.61
N LEU D 97 5.87 17.82 -8.76
CA LEU D 97 4.77 17.11 -9.45
C LEU D 97 4.26 15.98 -8.56
N ALA D 98 5.18 15.27 -7.91
CA ALA D 98 4.77 14.17 -7.01
C ALA D 98 3.99 14.79 -5.85
N GLN D 99 4.47 15.94 -5.38
CA GLN D 99 3.84 16.67 -4.29
C GLN D 99 2.37 16.95 -4.61
N LYS D 100 2.15 17.59 -5.75
CA LYS D 100 0.81 17.95 -6.20
C LYS D 100 -0.10 16.74 -6.37
N ARG D 101 0.46 15.61 -6.79
CA ARG D 101 -0.33 14.42 -6.99
C ARG D 101 -0.71 13.75 -5.68
N GLY D 102 0.17 13.87 -4.69
CA GLY D 102 -0.08 13.26 -3.40
C GLY D 102 0.75 12.00 -3.24
N ASP D 103 1.70 11.79 -4.15
CA ASP D 103 2.56 10.62 -4.09
C ASP D 103 3.64 10.79 -3.02
N ASN D 104 3.88 9.75 -2.23
CA ASN D 104 4.90 9.80 -1.20
C ASN D 104 6.28 9.52 -1.80
N PHE D 105 6.29 9.10 -3.07
CA PHE D 105 7.54 8.84 -3.75
C PHE D 105 7.49 9.39 -5.16
N ILE D 106 8.66 9.70 -5.72
CA ILE D 106 8.77 10.27 -7.04
C ILE D 106 9.01 9.21 -8.12
N SER D 107 8.00 8.94 -8.94
CA SER D 107 8.08 7.95 -9.99
C SER D 107 8.76 8.45 -11.27
N SER D 108 9.42 7.53 -11.96
CA SER D 108 10.13 7.83 -13.20
C SER D 108 9.25 8.53 -14.23
N GLU D 109 7.98 8.14 -14.29
CA GLU D 109 7.06 8.74 -15.25
C GLU D 109 7.02 10.27 -15.17
N LEU D 110 7.12 10.81 -13.96
CA LEU D 110 7.06 12.26 -13.79
C LEU D 110 8.22 12.97 -14.48
N PHE D 111 9.35 12.27 -14.62
CA PHE D 111 10.52 12.85 -15.27
C PHE D 111 10.16 13.32 -16.67
N VAL D 112 9.41 12.52 -17.40
CA VAL D 112 9.02 12.87 -18.75
C VAL D 112 8.29 14.20 -18.77
N LEU D 113 7.30 14.33 -17.89
CA LEU D 113 6.52 15.56 -17.80
C LEU D 113 7.38 16.73 -17.36
N ALA D 114 8.24 16.49 -16.38
CA ALA D 114 9.11 17.52 -15.85
C ALA D 114 10.07 18.02 -16.94
N ALA D 115 10.67 17.08 -17.66
CA ALA D 115 11.62 17.42 -18.71
C ALA D 115 11.01 18.35 -19.76
N LEU D 116 9.74 18.14 -20.07
CA LEU D 116 9.04 18.96 -21.06
C LEU D 116 8.81 20.39 -20.61
N GLU D 117 8.41 20.54 -19.35
CA GLU D 117 8.14 21.85 -18.80
C GLU D 117 9.42 22.58 -18.40
N SER D 118 10.56 21.92 -18.57
CA SER D 118 11.84 22.51 -18.21
C SER D 118 12.51 23.26 -19.35
N ARG D 119 12.16 22.90 -20.58
CA ARG D 119 12.71 23.56 -21.76
C ARG D 119 14.24 23.46 -21.80
N GLY D 120 14.74 22.51 -22.57
CA GLY D 120 16.17 22.31 -22.71
C GLY D 120 16.41 21.42 -23.92
N THR D 121 17.61 20.88 -24.09
CA THR D 121 17.87 20.01 -25.22
C THR D 121 16.88 18.85 -25.21
N LEU D 122 16.75 18.21 -24.05
CA LEU D 122 15.83 17.08 -23.93
C LEU D 122 14.41 17.51 -24.28
N ALA D 123 14.01 18.68 -23.79
CA ALA D 123 12.66 19.18 -24.06
C ALA D 123 12.44 19.37 -25.55
N ASP D 124 13.43 19.90 -26.24
CA ASP D 124 13.31 20.13 -27.68
C ASP D 124 13.09 18.81 -28.40
N ILE D 125 13.89 17.81 -28.06
CA ILE D 125 13.77 16.50 -28.68
C ILE D 125 12.40 15.88 -28.40
N LEU D 126 11.95 15.99 -27.15
CA LEU D 126 10.65 15.43 -26.78
C LEU D 126 9.52 16.08 -27.55
N LYS D 127 9.49 17.41 -27.57
CA LYS D 127 8.44 18.14 -28.28
C LYS D 127 8.51 17.82 -29.76
N ALA D 128 9.72 17.58 -30.25
CA ALA D 128 9.93 17.24 -31.65
C ALA D 128 9.35 15.86 -31.92
N ALA D 129 9.46 14.97 -30.93
CA ALA D 129 8.94 13.63 -31.06
C ALA D 129 7.42 13.65 -30.97
N GLY D 130 6.87 14.83 -30.69
CA GLY D 130 5.42 14.97 -30.60
C GLY D 130 4.87 14.94 -29.18
N ALA D 131 5.70 15.30 -28.21
CA ALA D 131 5.27 15.30 -26.81
C ALA D 131 4.90 16.70 -26.34
N THR D 132 3.82 16.77 -25.56
CA THR D 132 3.36 18.03 -25.00
C THR D 132 2.98 17.78 -23.55
N THR D 133 2.89 18.84 -22.77
CA THR D 133 2.51 18.72 -21.37
C THR D 133 1.12 18.09 -21.30
N ALA D 134 0.29 18.42 -22.29
CA ALA D 134 -1.08 17.92 -22.36
C ALA D 134 -1.18 16.42 -22.61
N ASN D 135 -0.53 15.93 -23.66
CA ASN D 135 -0.61 14.51 -23.98
C ASN D 135 0.14 13.64 -22.97
N ILE D 136 1.22 14.17 -22.41
CA ILE D 136 1.97 13.40 -21.42
C ILE D 136 1.18 13.36 -20.12
N THR D 137 0.57 14.48 -19.76
CA THR D 137 -0.21 14.54 -18.54
C THR D 137 -1.34 13.52 -18.62
N GLN D 138 -2.07 13.52 -19.74
CA GLN D 138 -3.17 12.58 -19.93
C GLN D 138 -2.65 11.13 -19.94
N ALA D 139 -1.52 10.91 -20.61
CA ALA D 139 -0.94 9.58 -20.69
C ALA D 139 -0.64 9.06 -19.28
N ILE D 140 -0.04 9.92 -18.46
CA ILE D 140 0.29 9.55 -17.09
C ILE D 140 -0.98 9.25 -16.29
N GLU D 141 -1.96 10.14 -16.41
CA GLU D 141 -3.22 9.94 -15.69
C GLU D 141 -3.81 8.58 -16.02
N GLN D 142 -3.83 8.25 -17.30
CA GLN D 142 -4.36 6.97 -17.77
C GLN D 142 -3.36 5.85 -17.48
#